data_6DJ0
# 
_entry.id   6DJ0 
# 
_audit_conform.dict_name       mmcif_pdbx.dic 
_audit_conform.dict_version    5.389 
_audit_conform.dict_location   http://mmcif.pdb.org/dictionaries/ascii/mmcif_pdbx.dic 
# 
loop_
_database_2.database_id 
_database_2.database_code 
_database_2.pdbx_database_accession 
_database_2.pdbx_DOI 
PDB   6DJ0         pdb_00006dj0 10.2210/pdb6dj0/pdb 
WWPDB D_1000234728 ?            ?                   
# 
loop_
_pdbx_audit_revision_history.ordinal 
_pdbx_audit_revision_history.data_content_type 
_pdbx_audit_revision_history.major_revision 
_pdbx_audit_revision_history.minor_revision 
_pdbx_audit_revision_history.revision_date 
1 'Structure model' 1 0 2018-10-31 
2 'Structure model' 1 1 2018-11-07 
3 'Structure model' 1 2 2019-01-02 
4 'Structure model' 1 3 2019-12-18 
5 'Structure model' 1 4 2024-03-13 
6 'Structure model' 1 5 2024-04-03 
# 
_pdbx_audit_revision_details.ordinal             1 
_pdbx_audit_revision_details.revision_ordinal    1 
_pdbx_audit_revision_details.data_content_type   'Structure model' 
_pdbx_audit_revision_details.provider            repository 
_pdbx_audit_revision_details.type                'Initial release' 
_pdbx_audit_revision_details.description         ? 
_pdbx_audit_revision_details.details             ? 
# 
loop_
_pdbx_audit_revision_group.ordinal 
_pdbx_audit_revision_group.revision_ordinal 
_pdbx_audit_revision_group.data_content_type 
_pdbx_audit_revision_group.group 
1 2 'Structure model' 'Data collection'            
2 2 'Structure model' 'Database references'        
3 3 'Structure model' 'Data collection'            
4 3 'Structure model' 'Database references'        
5 4 'Structure model' 'Author supporting evidence' 
6 5 'Structure model' 'Data collection'            
7 5 'Structure model' 'Database references'        
8 6 'Structure model' 'Refinement description'     
# 
loop_
_pdbx_audit_revision_category.ordinal 
_pdbx_audit_revision_category.revision_ordinal 
_pdbx_audit_revision_category.data_content_type 
_pdbx_audit_revision_category.category 
1 2 'Structure model' citation                      
2 2 'Structure model' citation_author               
3 3 'Structure model' citation                      
4 4 'Structure model' pdbx_audit_support            
5 5 'Structure model' chem_comp_atom                
6 5 'Structure model' chem_comp_bond                
7 5 'Structure model' database_2                    
8 6 'Structure model' pdbx_initial_refinement_model 
# 
loop_
_pdbx_audit_revision_item.ordinal 
_pdbx_audit_revision_item.revision_ordinal 
_pdbx_audit_revision_item.data_content_type 
_pdbx_audit_revision_item.item 
1  2 'Structure model' '_citation.journal_abbrev'                 
2  2 'Structure model' '_citation.pdbx_database_id_DOI'           
3  2 'Structure model' '_citation.pdbx_database_id_PubMed'        
4  2 'Structure model' '_citation.title'                          
5  3 'Structure model' '_citation.journal_volume'                 
6  3 'Structure model' '_citation.page_first'                     
7  3 'Structure model' '_citation.page_last'                      
8  3 'Structure model' '_citation.title'                          
9  4 'Structure model' '_pdbx_audit_support.funding_organization' 
10 5 'Structure model' '_database_2.pdbx_DOI'                     
11 5 'Structure model' '_database_2.pdbx_database_accession'      
# 
_pdbx_database_status.status_code                     REL 
_pdbx_database_status.status_code_sf                  REL 
_pdbx_database_status.status_code_mr                  ? 
_pdbx_database_status.entry_id                        6DJ0 
_pdbx_database_status.recvd_initial_deposition_date   2018-05-24 
_pdbx_database_status.SG_entry                        N 
_pdbx_database_status.deposit_site                    RCSB 
_pdbx_database_status.process_site                    RCSB 
_pdbx_database_status.status_code_cs                  ? 
_pdbx_database_status.methods_development_category    ? 
_pdbx_database_status.pdb_format_compatible           Y 
_pdbx_database_status.status_code_nmr_data            ? 
# 
loop_
_pdbx_database_related.db_name 
_pdbx_database_related.details 
_pdbx_database_related.db_id 
_pdbx_database_related.content_type 
PDB '6DIX contains a different segment from the same protein molecule.' 6DIX unspecified 
PDB '6DIY contains a different segment from a homologous molecule.'     6DIY unspecified 
# 
loop_
_audit_author.name 
_audit_author.pdbx_ordinal 
_audit_author.identifier_ORCID 
'Brumshtein, B.'  1 ? 
'Esswein, S.R.'   2 ? 
'Sawaya, M.R.'    3 ? 
'Eisenberg, D.S.' 4 ? 
# 
_citation.abstract                  ? 
_citation.abstract_id_CAS           ? 
_citation.book_id_ISBN              ? 
_citation.book_publisher            ? 
_citation.book_publisher_city       ? 
_citation.book_title                ? 
_citation.coordinate_linkage        ? 
_citation.country                   US 
_citation.database_id_Medline       ? 
_citation.details                   ? 
_citation.id                        primary 
_citation.journal_abbrev            'J. Biol. Chem.' 
_citation.journal_id_ASTM           JBCHA3 
_citation.journal_id_CSD            0071 
_citation.journal_id_ISSN           1083-351X 
_citation.journal_full              ? 
_citation.journal_issue             ? 
_citation.journal_volume            293 
_citation.language                  ? 
_citation.page_first                19659 
_citation.page_last                 19671 
_citation.title                     
;Identification of two principal amyloid-driving segments in variable domains of Ig light chains in systemic light-chain amyloidosis.
;
_citation.year                      2018 
_citation.database_id_CSD           ? 
_citation.pdbx_database_id_DOI      10.1074/jbc.RA118.004142 
_citation.pdbx_database_id_PubMed   30355736 
_citation.unpublished_flag          ? 
# 
loop_
_citation_author.citation_id 
_citation_author.name 
_citation_author.ordinal 
_citation_author.identifier_ORCID 
primary 'Brumshtein, B.'  1 ?                   
primary 'Esswein, S.R.'   2 0000-0002-5142-0190 
primary 'Sawaya, M.R.'    3 ?                   
primary 'Rosenberg, G.'   4 ?                   
primary 'Ly, A.T.'        5 ?                   
primary 'Landau, M.'      6 ?                   
primary 'Eisenberg, D.S.' 7 0000-0003-2432-5419 
# 
loop_
_entity.id 
_entity.type 
_entity.src_method 
_entity.pdbx_description 
_entity.formula_weight 
_entity.pdbx_number_of_molecules 
_entity.pdbx_ec 
_entity.pdbx_mutation 
_entity.pdbx_fragment 
_entity.details 
1 polymer syn 'ASLTVS segment from Light-Chain Variable Domain, Lambda Mcg' 576.641 2 ? ? ? ? 
2 water   nat water                                                         18.015  6 ? ? ? ? 
# 
_entity_poly.entity_id                      1 
_entity_poly.type                           'polypeptide(L)' 
_entity_poly.nstd_linkage                   no 
_entity_poly.nstd_monomer                   no 
_entity_poly.pdbx_seq_one_letter_code       ASLTVS 
_entity_poly.pdbx_seq_one_letter_code_can   ASLTVS 
_entity_poly.pdbx_strand_id                 A,B 
_entity_poly.pdbx_target_identifier         ? 
# 
_pdbx_entity_nonpoly.entity_id   2 
_pdbx_entity_nonpoly.name        water 
_pdbx_entity_nonpoly.comp_id     HOH 
# 
loop_
_entity_poly_seq.entity_id 
_entity_poly_seq.num 
_entity_poly_seq.mon_id 
_entity_poly_seq.hetero 
1 1 ALA n 
1 2 SER n 
1 3 LEU n 
1 4 THR n 
1 5 VAL n 
1 6 SER n 
# 
_pdbx_entity_src_syn.entity_id              1 
_pdbx_entity_src_syn.pdbx_src_id            1 
_pdbx_entity_src_syn.pdbx_alt_source_flag   sample 
_pdbx_entity_src_syn.pdbx_beg_seq_num       1 
_pdbx_entity_src_syn.pdbx_end_seq_num       6 
_pdbx_entity_src_syn.organism_scientific    'Homo sapiens' 
_pdbx_entity_src_syn.organism_common_name   ? 
_pdbx_entity_src_syn.ncbi_taxonomy_id       9606 
_pdbx_entity_src_syn.details                ? 
# 
loop_
_chem_comp.id 
_chem_comp.type 
_chem_comp.mon_nstd_flag 
_chem_comp.name 
_chem_comp.pdbx_synonyms 
_chem_comp.formula 
_chem_comp.formula_weight 
ALA 'L-peptide linking' y ALANINE   ? 'C3 H7 N O2'  89.093  
HOH non-polymer         . WATER     ? 'H2 O'        18.015  
LEU 'L-peptide linking' y LEUCINE   ? 'C6 H13 N O2' 131.173 
SER 'L-peptide linking' y SERINE    ? 'C3 H7 N O3'  105.093 
THR 'L-peptide linking' y THREONINE ? 'C4 H9 N O3'  119.119 
VAL 'L-peptide linking' y VALINE    ? 'C5 H11 N O2' 117.146 
# 
loop_
_pdbx_poly_seq_scheme.asym_id 
_pdbx_poly_seq_scheme.entity_id 
_pdbx_poly_seq_scheme.seq_id 
_pdbx_poly_seq_scheme.mon_id 
_pdbx_poly_seq_scheme.ndb_seq_num 
_pdbx_poly_seq_scheme.pdb_seq_num 
_pdbx_poly_seq_scheme.auth_seq_num 
_pdbx_poly_seq_scheme.pdb_mon_id 
_pdbx_poly_seq_scheme.auth_mon_id 
_pdbx_poly_seq_scheme.pdb_strand_id 
_pdbx_poly_seq_scheme.pdb_ins_code 
_pdbx_poly_seq_scheme.hetero 
A 1 1 ALA 1 73 73 ALA ALA A . n 
A 1 2 SER 2 74 74 SER SER A . n 
A 1 3 LEU 3 75 75 LEU LEU A . n 
A 1 4 THR 4 76 76 THR THR A . n 
A 1 5 VAL 5 77 77 VAL VAL A . n 
A 1 6 SER 6 78 78 SER SER A . n 
B 1 1 ALA 1 73 73 ALA ALA B . n 
B 1 2 SER 2 74 74 SER SER B . n 
B 1 3 LEU 3 75 75 LEU LEU B . n 
B 1 4 THR 4 76 76 THR THR B . n 
B 1 5 VAL 5 77 77 VAL VAL B . n 
B 1 6 SER 6 78 78 SER SER B . n 
# 
loop_
_pdbx_nonpoly_scheme.asym_id 
_pdbx_nonpoly_scheme.entity_id 
_pdbx_nonpoly_scheme.mon_id 
_pdbx_nonpoly_scheme.ndb_seq_num 
_pdbx_nonpoly_scheme.pdb_seq_num 
_pdbx_nonpoly_scheme.auth_seq_num 
_pdbx_nonpoly_scheme.pdb_mon_id 
_pdbx_nonpoly_scheme.auth_mon_id 
_pdbx_nonpoly_scheme.pdb_strand_id 
_pdbx_nonpoly_scheme.pdb_ins_code 
C 2 HOH 1 101 5 HOH HOH A . 
C 2 HOH 2 102 1 HOH HOH A . 
C 2 HOH 3 103 6 HOH HOH A . 
C 2 HOH 4 104 4 HOH HOH A . 
C 2 HOH 5 105 2 HOH HOH A . 
D 2 HOH 1 101 3 HOH HOH B . 
# 
loop_
_software.citation_id 
_software.classification 
_software.compiler_name 
_software.compiler_version 
_software.contact_author 
_software.contact_author_email 
_software.date 
_software.description 
_software.dependencies 
_software.hardware 
_software.language 
_software.location 
_software.mods 
_software.name 
_software.os 
_software.os_version 
_software.type 
_software.version 
_software.pdbx_ordinal 
? 'data reduction'  ? ? 'Zbyszek Otwinowski' hkl@hkl-xray.com            ?              ? ? ? ?          http://www.hkl-xray.com/ 
? DENZO       ? ? program .        1 
? 'data scaling'    ? ? 'Zbyszek Otwinowski' hkl@hkl-xray.com            ?              ? ? ? ?          http://www.hkl-xray.com/ 
? SCALEPACK   ? ? program .        2 
? phasing           ? ? 'Randy J. Read'      cimr-phaser@lists.cam.ac.uk ?              ? ? ? ?          
http://www-structmed.cimr.cam.ac.uk/phaser/  ? PHASER      ? ? program .        3 
? refinement        ? ? 'Garib N. Murshudov' garib@ysbl.york.ac.uk       ?              ? ? ? Fortran_77 
http://www.ccp4.ac.uk/dist/html/refmac5.html ? REFMAC      ? ? program 5.7.0029 4 
? 'data extraction' ? ? PDB                  deposit@deposit.rcsb.org    'Sep. 1, 2017' ? ? ? C++        
http://sw-tools.pdb.org/apps/PDB_EXTRACT/    ? PDB_EXTRACT ? ? package 3.24     5 
# 
_cell.angle_alpha                  90.000 
_cell.angle_alpha_esd              ? 
_cell.angle_beta                   97.320 
_cell.angle_beta_esd               ? 
_cell.angle_gamma                  90.000 
_cell.angle_gamma_esd              ? 
_cell.entry_id                     6DJ0 
_cell.details                      ? 
_cell.formula_units_Z              ? 
_cell.length_a                     15.167 
_cell.length_a_esd                 ? 
_cell.length_b                     11.580 
_cell.length_b_esd                 ? 
_cell.length_c                     18.798 
_cell.length_c_esd                 ? 
_cell.volume                       ? 
_cell.volume_esd                   ? 
_cell.Z_PDB                        4 
_cell.reciprocal_angle_alpha       ? 
_cell.reciprocal_angle_beta        ? 
_cell.reciprocal_angle_gamma       ? 
_cell.reciprocal_angle_alpha_esd   ? 
_cell.reciprocal_angle_beta_esd    ? 
_cell.reciprocal_angle_gamma_esd   ? 
_cell.reciprocal_length_a          ? 
_cell.reciprocal_length_b          ? 
_cell.reciprocal_length_c          ? 
_cell.reciprocal_length_a_esd      ? 
_cell.reciprocal_length_b_esd      ? 
_cell.reciprocal_length_c_esd      ? 
_cell.pdbx_unique_axis             ? 
# 
_symmetry.entry_id                         6DJ0 
_symmetry.cell_setting                     ? 
_symmetry.Int_Tables_number                4 
_symmetry.space_group_name_Hall            ? 
_symmetry.space_group_name_H-M             'P 1 21 1' 
_symmetry.pdbx_full_space_group_name_H-M   ? 
# 
_exptl.absorpt_coefficient_mu     ? 
_exptl.absorpt_correction_T_max   ? 
_exptl.absorpt_correction_T_min   ? 
_exptl.absorpt_correction_type    ? 
_exptl.absorpt_process_details    ? 
_exptl.entry_id                   6DJ0 
_exptl.crystals_number            1 
_exptl.details                    ? 
_exptl.method                     'X-RAY DIFFRACTION' 
_exptl.method_details             ? 
# 
_exptl_crystal.colour                      ? 
_exptl_crystal.density_diffrn              ? 
_exptl_crystal.density_Matthews            1.42 
_exptl_crystal.density_method              ? 
_exptl_crystal.density_percent_sol         13.36 
_exptl_crystal.description                 ? 
_exptl_crystal.F_000                       ? 
_exptl_crystal.id                          1 
_exptl_crystal.preparation                 ? 
_exptl_crystal.size_max                    ? 
_exptl_crystal.size_mid                    ? 
_exptl_crystal.size_min                    ? 
_exptl_crystal.size_rad                    ? 
_exptl_crystal.colour_lustre               ? 
_exptl_crystal.colour_modifier             ? 
_exptl_crystal.colour_primary              ? 
_exptl_crystal.density_meas                ? 
_exptl_crystal.density_meas_esd            ? 
_exptl_crystal.density_meas_gt             ? 
_exptl_crystal.density_meas_lt             ? 
_exptl_crystal.density_meas_temp           ? 
_exptl_crystal.density_meas_temp_esd       ? 
_exptl_crystal.density_meas_temp_gt        ? 
_exptl_crystal.density_meas_temp_lt        ? 
_exptl_crystal.pdbx_crystal_image_url      ? 
_exptl_crystal.pdbx_crystal_image_format   ? 
_exptl_crystal.pdbx_mosaicity              0.600 
_exptl_crystal.pdbx_mosaicity_esd          ? 
# 
_exptl_crystal_grow.apparatus       ? 
_exptl_crystal_grow.atmosphere      ? 
_exptl_crystal_grow.crystal_id      1 
_exptl_crystal_grow.details         ? 
_exptl_crystal_grow.method          'VAPOR DIFFUSION, HANGING DROP' 
_exptl_crystal_grow.method_ref      ? 
_exptl_crystal_grow.pH              5.0 
_exptl_crystal_grow.pressure        ? 
_exptl_crystal_grow.pressure_esd    ? 
_exptl_crystal_grow.seeding         ? 
_exptl_crystal_grow.seeding_ref     ? 
_exptl_crystal_grow.temp            293 
_exptl_crystal_grow.temp_details    ? 
_exptl_crystal_grow.temp_esd        ? 
_exptl_crystal_grow.time            ? 
_exptl_crystal_grow.pdbx_details    '0.1 M Malic Acid, MES:Tris buffer, 25% PEG 1500' 
_exptl_crystal_grow.pdbx_pH_range   ? 
# 
_diffrn.ambient_environment    ? 
_diffrn.ambient_temp           100 
_diffrn.ambient_temp_details   ? 
_diffrn.ambient_temp_esd       ? 
_diffrn.crystal_id             1 
_diffrn.crystal_support        ? 
_diffrn.crystal_treatment      ? 
_diffrn.details                ? 
_diffrn.id                     1 
_diffrn.ambient_pressure       ? 
_diffrn.ambient_pressure_esd   ? 
_diffrn.ambient_pressure_gt    ? 
_diffrn.ambient_pressure_lt    ? 
_diffrn.ambient_temp_gt        ? 
_diffrn.ambient_temp_lt        ? 
# 
_diffrn_detector.details                      ? 
_diffrn_detector.detector                     CCD 
_diffrn_detector.diffrn_id                    1 
_diffrn_detector.type                         'ADSC QUANTUM 315' 
_diffrn_detector.area_resol_mean              ? 
_diffrn_detector.dtime                        ? 
_diffrn_detector.pdbx_frames_total            ? 
_diffrn_detector.pdbx_collection_time_total   ? 
_diffrn_detector.pdbx_collection_date         2012-07-29 
# 
_diffrn_radiation.collimation                      ? 
_diffrn_radiation.diffrn_id                        1 
_diffrn_radiation.filter_edge                      ? 
_diffrn_radiation.inhomogeneity                    ? 
_diffrn_radiation.monochromator                    ? 
_diffrn_radiation.polarisn_norm                    ? 
_diffrn_radiation.polarisn_ratio                   ? 
_diffrn_radiation.probe                            ? 
_diffrn_radiation.type                             ? 
_diffrn_radiation.xray_symbol                      ? 
_diffrn_radiation.wavelength_id                    1 
_diffrn_radiation.pdbx_monochromatic_or_laue_m_l   M 
_diffrn_radiation.pdbx_wavelength_list             ? 
_diffrn_radiation.pdbx_wavelength                  ? 
_diffrn_radiation.pdbx_diffrn_protocol             'SINGLE WAVELENGTH' 
_diffrn_radiation.pdbx_analyzer                    ? 
_diffrn_radiation.pdbx_scattering_type             x-ray 
# 
_diffrn_radiation_wavelength.id           1 
_diffrn_radiation_wavelength.wavelength   0.9792 
_diffrn_radiation_wavelength.wt           1.0 
# 
_diffrn_source.current                     ? 
_diffrn_source.details                     ? 
_diffrn_source.diffrn_id                   1 
_diffrn_source.power                       ? 
_diffrn_source.size                        ? 
_diffrn_source.source                      SYNCHROTRON 
_diffrn_source.target                      ? 
_diffrn_source.type                        'APS BEAMLINE 24-ID-E' 
_diffrn_source.voltage                     ? 
_diffrn_source.take-off_angle              ? 
_diffrn_source.pdbx_wavelength_list        0.9792 
_diffrn_source.pdbx_wavelength             ? 
_diffrn_source.pdbx_synchrotron_beamline   24-ID-E 
_diffrn_source.pdbx_synchrotron_site       APS 
# 
_reflns.B_iso_Wilson_estimate            ? 
_reflns.entry_id                         6DJ0 
_reflns.data_reduction_details           ? 
_reflns.data_reduction_method            ? 
_reflns.d_resolution_high                1.300 
_reflns.d_resolution_low                 100.000 
_reflns.details                          ? 
_reflns.limit_h_max                      ? 
_reflns.limit_h_min                      ? 
_reflns.limit_k_max                      ? 
_reflns.limit_k_min                      ? 
_reflns.limit_l_max                      ? 
_reflns.limit_l_min                      ? 
_reflns.number_all                       ? 
_reflns.number_obs                       1351 
_reflns.observed_criterion               ? 
_reflns.observed_criterion_F_max         ? 
_reflns.observed_criterion_F_min         ? 
_reflns.observed_criterion_I_max         ? 
_reflns.observed_criterion_I_min         ? 
_reflns.observed_criterion_sigma_F       ? 
_reflns.observed_criterion_sigma_I       ? 
_reflns.percent_possible_obs             80.500 
_reflns.R_free_details                   ? 
_reflns.Rmerge_F_all                     ? 
_reflns.Rmerge_F_obs                     ? 
_reflns.Friedel_coverage                 ? 
_reflns.number_gt                        ? 
_reflns.threshold_expression             ? 
_reflns.pdbx_redundancy                  2.500 
_reflns.pdbx_Rmerge_I_obs                0.192 
_reflns.pdbx_Rmerge_I_all                ? 
_reflns.pdbx_Rsym_value                  ? 
_reflns.pdbx_netI_over_av_sigmaI         ? 
_reflns.pdbx_netI_over_sigmaI            5.600 
_reflns.pdbx_res_netI_over_av_sigmaI_2   ? 
_reflns.pdbx_res_netI_over_sigmaI_2      ? 
_reflns.pdbx_chi_squared                 1.034 
_reflns.pdbx_scaling_rejects             ? 
_reflns.pdbx_d_res_high_opt              ? 
_reflns.pdbx_d_res_low_opt               ? 
_reflns.pdbx_d_res_opt_method            ? 
_reflns.phase_calculation_details        ? 
_reflns.pdbx_Rrim_I_all                  ? 
_reflns.pdbx_Rpim_I_all                  ? 
_reflns.pdbx_d_opt                       ? 
_reflns.pdbx_number_measured_all         3352 
_reflns.pdbx_diffrn_id                   1 
_reflns.pdbx_ordinal                     1 
_reflns.pdbx_CC_half                     ? 
_reflns.pdbx_R_split                     ? 
# 
loop_
_reflns_shell.d_res_high 
_reflns_shell.d_res_low 
_reflns_shell.meanI_over_sigI_all 
_reflns_shell.meanI_over_sigI_obs 
_reflns_shell.number_measured_all 
_reflns_shell.number_measured_obs 
_reflns_shell.number_possible 
_reflns_shell.number_unique_all 
_reflns_shell.number_unique_obs 
_reflns_shell.percent_possible_all 
_reflns_shell.percent_possible_obs 
_reflns_shell.Rmerge_F_all 
_reflns_shell.Rmerge_F_obs 
_reflns_shell.Rmerge_I_all 
_reflns_shell.Rmerge_I_obs 
_reflns_shell.meanI_over_sigI_gt 
_reflns_shell.meanI_over_uI_all 
_reflns_shell.meanI_over_uI_gt 
_reflns_shell.number_measured_gt 
_reflns_shell.number_unique_gt 
_reflns_shell.percent_possible_gt 
_reflns_shell.Rmerge_F_gt 
_reflns_shell.Rmerge_I_gt 
_reflns_shell.pdbx_redundancy 
_reflns_shell.pdbx_Rsym_value 
_reflns_shell.pdbx_chi_squared 
_reflns_shell.pdbx_netI_over_sigmaI_all 
_reflns_shell.pdbx_netI_over_sigmaI_obs 
_reflns_shell.pdbx_Rrim_I_all 
_reflns_shell.pdbx_Rpim_I_all 
_reflns_shell.pdbx_rejects 
_reflns_shell.pdbx_ordinal 
_reflns_shell.pdbx_diffrn_id 
_reflns_shell.pdbx_CC_half 
_reflns_shell.pdbx_R_split 
1.300 1.400   ? ? ? ? ? ? 207 62.500  ? ? ? ? 0.270 ? ? ? ? ? ? ? ? 1.500 ? 1.042 ? ? ? ? ? 1 1 ? ? 
1.400 1.540   ? ? ? ? ? ? 207 64.900  ? ? ? ? 0.301 ? ? ? ? ? ? ? ? 1.700 ? 0.963 ? ? ? ? ? 2 1 ? ? 
1.540 1.760   ? ? ? ? ? ? 246 74.300  ? ? ? ? 0.400 ? ? ? ? ? ? ? ? 1.900 ? 1.059 ? ? ? ? ? 3 1 ? ? 
1.760 2.220   ? ? ? ? ? ? 333 98.200  ? ? ? ? 0.293 ? ? ? ? ? ? ? ? 3.200 ? 1.052 ? ? ? ? ? 4 1 ? ? 
2.220 100.000 ? ? ? ? ? ? 358 100.000 ? ? ? ? 0.133 ? ? ? ? ? ? ? ? 3.200 ? 1.022 ? ? ? ? ? 5 1 ? ? 
# 
_refine.aniso_B[1][1]                            1.8000 
_refine.aniso_B[1][2]                            -0.0000 
_refine.aniso_B[1][3]                            0.1200 
_refine.aniso_B[2][2]                            -0.6100 
_refine.aniso_B[2][3]                            0.0000 
_refine.aniso_B[3][3]                            -1.1700 
_refine.B_iso_max                                24.060 
_refine.B_iso_mean                               6.4220 
_refine.B_iso_min                                3.480 
_refine.correlation_coeff_Fo_to_Fc               0.9600 
_refine.correlation_coeff_Fo_to_Fc_free          0.9560 
_refine.details                                  
'HYDROGENS HAVE BEEN ADDED IN THE RIDING POSITIONS U VALUES      : REFINED INDIVIDUALLY' 
_refine.diff_density_max                         ? 
_refine.diff_density_max_esd                     ? 
_refine.diff_density_min                         ? 
_refine.diff_density_min_esd                     ? 
_refine.diff_density_rms                         ? 
_refine.diff_density_rms_esd                     ? 
_refine.entry_id                                 6DJ0 
_refine.pdbx_refine_id                           'X-RAY DIFFRACTION' 
_refine.ls_abs_structure_details                 ? 
_refine.ls_abs_structure_Flack                   ? 
_refine.ls_abs_structure_Flack_esd               ? 
_refine.ls_abs_structure_Rogers                  ? 
_refine.ls_abs_structure_Rogers_esd              ? 
_refine.ls_d_res_high                            1.3000 
_refine.ls_d_res_low                             18.6400 
_refine.ls_extinction_coef                       ? 
_refine.ls_extinction_coef_esd                   ? 
_refine.ls_extinction_expression                 ? 
_refine.ls_extinction_method                     ? 
_refine.ls_goodness_of_fit_all                   ? 
_refine.ls_goodness_of_fit_all_esd               ? 
_refine.ls_goodness_of_fit_obs                   ? 
_refine.ls_goodness_of_fit_obs_esd               ? 
_refine.ls_hydrogen_treatment                    ? 
_refine.ls_matrix_type                           ? 
_refine.ls_number_constraints                    ? 
_refine.ls_number_parameters                     ? 
_refine.ls_number_reflns_all                     ? 
_refine.ls_number_reflns_obs                     1215 
_refine.ls_number_reflns_R_free                  130 
_refine.ls_number_reflns_R_work                  ? 
_refine.ls_number_restraints                     ? 
_refine.ls_percent_reflns_obs                    79.5900 
_refine.ls_percent_reflns_R_free                 9.7000 
_refine.ls_R_factor_all                          ? 
_refine.ls_R_factor_obs                          0.1861 
_refine.ls_R_factor_R_free                       0.2180 
_refine.ls_R_factor_R_free_error                 ? 
_refine.ls_R_factor_R_free_error_details         ? 
_refine.ls_R_factor_R_work                       0.1826 
_refine.ls_R_Fsqd_factor_obs                     ? 
_refine.ls_R_I_factor_obs                        ? 
_refine.ls_redundancy_reflns_all                 ? 
_refine.ls_redundancy_reflns_obs                 ? 
_refine.ls_restrained_S_all                      ? 
_refine.ls_restrained_S_obs                      ? 
_refine.ls_shift_over_esd_max                    ? 
_refine.ls_shift_over_esd_mean                   ? 
_refine.ls_structure_factor_coef                 ? 
_refine.ls_weighting_details                     ? 
_refine.ls_weighting_scheme                      ? 
_refine.ls_wR_factor_all                         ? 
_refine.ls_wR_factor_obs                         ? 
_refine.ls_wR_factor_R_free                      ? 
_refine.ls_wR_factor_R_work                      ? 
_refine.occupancy_max                            ? 
_refine.occupancy_min                            ? 
_refine.solvent_model_details                    ? 
_refine.solvent_model_param_bsol                 ? 
_refine.solvent_model_param_ksol                 ? 
_refine.ls_R_factor_gt                           ? 
_refine.ls_goodness_of_fit_gt                    ? 
_refine.ls_goodness_of_fit_ref                   ? 
_refine.ls_shift_over_su_max                     ? 
_refine.ls_shift_over_su_max_lt                  ? 
_refine.ls_shift_over_su_mean                    ? 
_refine.ls_shift_over_su_mean_lt                 ? 
_refine.pdbx_ls_sigma_I                          ? 
_refine.pdbx_ls_sigma_F                          0.000 
_refine.pdbx_ls_sigma_Fsqd                       ? 
_refine.pdbx_data_cutoff_high_absF               ? 
_refine.pdbx_data_cutoff_high_rms_absF           ? 
_refine.pdbx_data_cutoff_low_absF                ? 
_refine.pdbx_isotropic_thermal_model             ? 
_refine.pdbx_ls_cross_valid_method               THROUGHOUT 
_refine.pdbx_method_to_determine_struct          'MOLECULAR REPLACEMENT' 
_refine.pdbx_starting_model                      'IDEAL beta strand' 
_refine.pdbx_stereochemistry_target_values       ? 
_refine.pdbx_R_Free_selection_details            RANDOM 
_refine.pdbx_stereochem_target_val_spec_case     ? 
_refine.pdbx_overall_ESU_R                       0.0920 
_refine.pdbx_overall_ESU_R_Free                  0.0900 
_refine.pdbx_solvent_vdw_probe_radii             1.2000 
_refine.pdbx_solvent_ion_probe_radii             0.8000 
_refine.pdbx_solvent_shrinkage_radii             0.8000 
_refine.pdbx_real_space_R                        ? 
_refine.pdbx_density_correlation                 ? 
_refine.pdbx_pd_number_of_powder_patterns        ? 
_refine.pdbx_pd_number_of_points                 ? 
_refine.pdbx_pd_meas_number_of_points            ? 
_refine.pdbx_pd_proc_ls_prof_R_factor            ? 
_refine.pdbx_pd_proc_ls_prof_wR_factor           ? 
_refine.pdbx_pd_Marquardt_correlation_coeff      ? 
_refine.pdbx_pd_Fsqrd_R_factor                   ? 
_refine.pdbx_pd_ls_matrix_band_width             ? 
_refine.pdbx_overall_phase_error                 ? 
_refine.pdbx_overall_SU_R_free_Cruickshank_DPI   ? 
_refine.pdbx_overall_SU_R_free_Blow_DPI          ? 
_refine.pdbx_overall_SU_R_Blow_DPI               ? 
_refine.pdbx_TLS_residual_ADP_flag               ? 
_refine.pdbx_diffrn_id                           1 
_refine.overall_SU_B                             1.9000 
_refine.overall_SU_ML                            0.0730 
_refine.overall_SU_R_Cruickshank_DPI             ? 
_refine.overall_SU_R_free                        ? 
_refine.overall_FOM_free_R_set                   ? 
_refine.overall_FOM_work_R_set                   ? 
_refine.pdbx_average_fsc_overall                 ? 
_refine.pdbx_average_fsc_work                    ? 
_refine.pdbx_average_fsc_free                    ? 
# 
_refine_hist.cycle_id                         final 
_refine_hist.pdbx_refine_id                   'X-RAY DIFFRACTION' 
_refine_hist.d_res_high                       1.3000 
_refine_hist.d_res_low                        18.6400 
_refine_hist.pdbx_number_atoms_ligand         0 
_refine_hist.number_atoms_solvent             6 
_refine_hist.number_atoms_total               86 
_refine_hist.pdbx_number_residues_total       12 
_refine_hist.pdbx_B_iso_mean_solvent          12.87 
_refine_hist.pdbx_number_atoms_protein        80 
_refine_hist.pdbx_number_atoms_nucleic_acid   0 
# 
loop_
_refine_ls_restr.pdbx_refine_id 
_refine_ls_restr.criterion 
_refine_ls_restr.dev_ideal 
_refine_ls_restr.dev_ideal_target 
_refine_ls_restr.number 
_refine_ls_restr.rejects 
_refine_ls_restr.type 
_refine_ls_restr.weight 
_refine_ls_restr.pdbx_restraint_function 
'X-RAY DIFFRACTION' ? 0.019 0.020  91  ? r_bond_refined_d       ? ? 
'X-RAY DIFFRACTION' ? 0.006 0.020  103 ? r_bond_other_d         ? ? 
'X-RAY DIFFRACTION' ? 2.085 2.106  124 ? r_angle_refined_deg    ? ? 
'X-RAY DIFFRACTION' ? 0.954 3.000  235 ? r_angle_other_deg      ? ? 
'X-RAY DIFFRACTION' ? 7.466 5.000  12  ? r_dihedral_angle_1_deg ? ? 
'X-RAY DIFFRACTION' ? 9.165 15.000 15  ? r_dihedral_angle_3_deg ? ? 
'X-RAY DIFFRACTION' ? 0.132 0.200  21  ? r_chiral_restr         ? ? 
'X-RAY DIFFRACTION' ? 0.007 0.020  92  ? r_gen_planes_refined   ? ? 
'X-RAY DIFFRACTION' ? 0.000 0.020  12  ? r_gen_planes_other     ? ? 
# 
_refine_ls_shell.pdbx_refine_id                   'X-RAY DIFFRACTION' 
_refine_ls_shell.d_res_high                       1.3010 
_refine_ls_shell.d_res_low                        1.4530 
_refine_ls_shell.number_reflns_all                290 
_refine_ls_shell.number_reflns_obs                ? 
_refine_ls_shell.number_reflns_R_free             32 
_refine_ls_shell.number_reflns_R_work             258 
_refine_ls_shell.percent_reflns_obs               61.4400 
_refine_ls_shell.percent_reflns_R_free            ? 
_refine_ls_shell.R_factor_all                     ? 
_refine_ls_shell.R_factor_obs                     ? 
_refine_ls_shell.R_factor_R_free                  0.3280 
_refine_ls_shell.R_factor_R_free_error            0.0000 
_refine_ls_shell.R_factor_R_work                  0.3230 
_refine_ls_shell.redundancy_reflns_all            ? 
_refine_ls_shell.redundancy_reflns_obs            ? 
_refine_ls_shell.wR_factor_all                    ? 
_refine_ls_shell.wR_factor_obs                    ? 
_refine_ls_shell.wR_factor_R_free                 ? 
_refine_ls_shell.wR_factor_R_work                 ? 
_refine_ls_shell.pdbx_total_number_of_bins_used   5 
_refine_ls_shell.pdbx_phase_error                 ? 
_refine_ls_shell.pdbx_fsc_work                    ? 
_refine_ls_shell.pdbx_fsc_free                    ? 
# 
_struct.entry_id                     6DJ0 
_struct.title                        
'ASLTVS segment from Human Immunoglobulin Light-Chain Variable Domain, Residues 73-78, assembled as an amyloid fibril' 
_struct.pdbx_model_details           'amyloid fibril' 
_struct.pdbx_formula_weight          ? 
_struct.pdbx_formula_weight_method   ? 
_struct.pdbx_model_type_details      ? 
_struct.pdbx_CASP_flag               N 
# 
_struct_keywords.entry_id        6DJ0 
_struct_keywords.text            'amyloid fibril, PROTEIN FIBRIL' 
_struct_keywords.pdbx_keywords   'PROTEIN FIBRIL' 
# 
loop_
_struct_asym.id 
_struct_asym.pdbx_blank_PDB_chainid_flag 
_struct_asym.pdbx_modified 
_struct_asym.entity_id 
_struct_asym.details 
A N N 1 ? 
B N N 1 ? 
C N N 2 ? 
D N N 2 ? 
# 
_struct_ref.id                         1 
_struct_ref.db_name                    PDB 
_struct_ref.db_code                    6DJ0 
_struct_ref.pdbx_db_accession          6DJ0 
_struct_ref.pdbx_db_isoform            ? 
_struct_ref.entity_id                  1 
_struct_ref.pdbx_seq_one_letter_code   ? 
_struct_ref.pdbx_align_begin           1 
# 
loop_
_struct_ref_seq.align_id 
_struct_ref_seq.ref_id 
_struct_ref_seq.pdbx_PDB_id_code 
_struct_ref_seq.pdbx_strand_id 
_struct_ref_seq.seq_align_beg 
_struct_ref_seq.pdbx_seq_align_beg_ins_code 
_struct_ref_seq.seq_align_end 
_struct_ref_seq.pdbx_seq_align_end_ins_code 
_struct_ref_seq.pdbx_db_accession 
_struct_ref_seq.db_align_beg 
_struct_ref_seq.pdbx_db_align_beg_ins_code 
_struct_ref_seq.db_align_end 
_struct_ref_seq.pdbx_db_align_end_ins_code 
_struct_ref_seq.pdbx_auth_seq_align_beg 
_struct_ref_seq.pdbx_auth_seq_align_end 
1 1 6DJ0 A 1 ? 6 ? 6DJ0 73 ? 78 ? 73 78 
2 1 6DJ0 B 1 ? 6 ? 6DJ0 73 ? 78 ? 73 78 
# 
_pdbx_struct_assembly.id                   1 
_pdbx_struct_assembly.details              author_defined_assembly 
_pdbx_struct_assembly.method_details       ? 
_pdbx_struct_assembly.oligomeric_details   octameric 
_pdbx_struct_assembly.oligomeric_count     8 
# 
_pdbx_struct_assembly_gen.assembly_id       1 
_pdbx_struct_assembly_gen.oper_expression   1,2,3,4 
_pdbx_struct_assembly_gen.asym_id_list      A,B,C,D 
# 
_pdbx_struct_assembly_auth_evidence.id                     1 
_pdbx_struct_assembly_auth_evidence.assembly_id            1 
_pdbx_struct_assembly_auth_evidence.experimental_support   none 
_pdbx_struct_assembly_auth_evidence.details                ? 
# 
loop_
_pdbx_struct_oper_list.id 
_pdbx_struct_oper_list.type 
_pdbx_struct_oper_list.name 
_pdbx_struct_oper_list.symmetry_operation 
_pdbx_struct_oper_list.matrix[1][1] 
_pdbx_struct_oper_list.matrix[1][2] 
_pdbx_struct_oper_list.matrix[1][3] 
_pdbx_struct_oper_list.vector[1] 
_pdbx_struct_oper_list.matrix[2][1] 
_pdbx_struct_oper_list.matrix[2][2] 
_pdbx_struct_oper_list.matrix[2][3] 
_pdbx_struct_oper_list.vector[2] 
_pdbx_struct_oper_list.matrix[3][1] 
_pdbx_struct_oper_list.matrix[3][2] 
_pdbx_struct_oper_list.matrix[3][3] 
_pdbx_struct_oper_list.vector[3] 
1 'identity operation'         1_555 x,y,z         1.0000000000 0.0000000000  0.0000000000 0.0000000000  0.0000000000  1.0000000000  0.0000000000  0.0000000000  0.0000000000 0.0000000000  1.0000000000  0.0000000000   
2 'crystal symmetry operation' 1_545 x,y-1,z       1.0000000000 0.0000000000  0.0000000000 -9.3447022033 0.0000000000  1.0000000000  0.0000000000  6.5771660755  0.0000000000 0.0000000000  1.0000000000  -1.8745205110  
3 'crystal symmetry operation' 2_556 -x,y+1/2,-z+1 0.3023982638 -0.9166787224 0.2612573634 8.0433252728  -0.9166787224 -0.3548057430 -0.1838831276 -1.8280507959 0.2612573634 -0.1838831276 -0.9475925208 -10.7428395474 
4 'crystal symmetry operation' 2_546 -x,y-1/2,-z+1 0.3023982638 -0.9166787224 0.2612573634 -1.3013769305 -0.9166787224 -0.3548057430 -0.1838831276 4.7491152796  0.2612573634 -0.1838831276 -0.9475925208 -12.6173600584 
# 
_struct_sheet.id               AA1 
_struct_sheet.type             ? 
_struct_sheet.number_strands   2 
_struct_sheet.details          ? 
# 
_struct_sheet_order.sheet_id     AA1 
_struct_sheet_order.range_id_1   1 
_struct_sheet_order.range_id_2   2 
_struct_sheet_order.offset       ? 
_struct_sheet_order.sense        anti-parallel 
# 
loop_
_struct_sheet_range.sheet_id 
_struct_sheet_range.id 
_struct_sheet_range.beg_label_comp_id 
_struct_sheet_range.beg_label_asym_id 
_struct_sheet_range.beg_label_seq_id 
_struct_sheet_range.pdbx_beg_PDB_ins_code 
_struct_sheet_range.end_label_comp_id 
_struct_sheet_range.end_label_asym_id 
_struct_sheet_range.end_label_seq_id 
_struct_sheet_range.pdbx_end_PDB_ins_code 
_struct_sheet_range.beg_auth_comp_id 
_struct_sheet_range.beg_auth_asym_id 
_struct_sheet_range.beg_auth_seq_id 
_struct_sheet_range.end_auth_comp_id 
_struct_sheet_range.end_auth_asym_id 
_struct_sheet_range.end_auth_seq_id 
AA1 1 SER A 2 ? VAL A 5 ? SER A 74 VAL A 77 
AA1 2 LEU B 3 ? SER B 6 ? LEU B 75 SER B 78 
# 
_pdbx_struct_sheet_hbond.sheet_id                AA1 
_pdbx_struct_sheet_hbond.range_id_1              1 
_pdbx_struct_sheet_hbond.range_id_2              2 
_pdbx_struct_sheet_hbond.range_1_label_atom_id   N 
_pdbx_struct_sheet_hbond.range_1_label_comp_id   THR 
_pdbx_struct_sheet_hbond.range_1_label_asym_id   A 
_pdbx_struct_sheet_hbond.range_1_label_seq_id    4 
_pdbx_struct_sheet_hbond.range_1_PDB_ins_code    ? 
_pdbx_struct_sheet_hbond.range_1_auth_atom_id    N 
_pdbx_struct_sheet_hbond.range_1_auth_comp_id    THR 
_pdbx_struct_sheet_hbond.range_1_auth_asym_id    A 
_pdbx_struct_sheet_hbond.range_1_auth_seq_id     76 
_pdbx_struct_sheet_hbond.range_2_label_atom_id   O 
_pdbx_struct_sheet_hbond.range_2_label_comp_id   THR 
_pdbx_struct_sheet_hbond.range_2_label_asym_id   B 
_pdbx_struct_sheet_hbond.range_2_label_seq_id    4 
_pdbx_struct_sheet_hbond.range_2_PDB_ins_code    ? 
_pdbx_struct_sheet_hbond.range_2_auth_atom_id    O 
_pdbx_struct_sheet_hbond.range_2_auth_comp_id    THR 
_pdbx_struct_sheet_hbond.range_2_auth_asym_id    B 
_pdbx_struct_sheet_hbond.range_2_auth_seq_id     76 
# 
_phasing.method   MR 
# 
loop_
_chem_comp_atom.comp_id 
_chem_comp_atom.atom_id 
_chem_comp_atom.type_symbol 
_chem_comp_atom.pdbx_aromatic_flag 
_chem_comp_atom.pdbx_stereo_config 
_chem_comp_atom.pdbx_ordinal 
ALA N    N N N 1  
ALA CA   C N S 2  
ALA C    C N N 3  
ALA O    O N N 4  
ALA CB   C N N 5  
ALA OXT  O N N 6  
ALA H    H N N 7  
ALA H2   H N N 8  
ALA HA   H N N 9  
ALA HB1  H N N 10 
ALA HB2  H N N 11 
ALA HB3  H N N 12 
ALA HXT  H N N 13 
HOH O    O N N 14 
HOH H1   H N N 15 
HOH H2   H N N 16 
LEU N    N N N 17 
LEU CA   C N S 18 
LEU C    C N N 19 
LEU O    O N N 20 
LEU CB   C N N 21 
LEU CG   C N N 22 
LEU CD1  C N N 23 
LEU CD2  C N N 24 
LEU OXT  O N N 25 
LEU H    H N N 26 
LEU H2   H N N 27 
LEU HA   H N N 28 
LEU HB2  H N N 29 
LEU HB3  H N N 30 
LEU HG   H N N 31 
LEU HD11 H N N 32 
LEU HD12 H N N 33 
LEU HD13 H N N 34 
LEU HD21 H N N 35 
LEU HD22 H N N 36 
LEU HD23 H N N 37 
LEU HXT  H N N 38 
SER N    N N N 39 
SER CA   C N S 40 
SER C    C N N 41 
SER O    O N N 42 
SER CB   C N N 43 
SER OG   O N N 44 
SER OXT  O N N 45 
SER H    H N N 46 
SER H2   H N N 47 
SER HA   H N N 48 
SER HB2  H N N 49 
SER HB3  H N N 50 
SER HG   H N N 51 
SER HXT  H N N 52 
THR N    N N N 53 
THR CA   C N S 54 
THR C    C N N 55 
THR O    O N N 56 
THR CB   C N R 57 
THR OG1  O N N 58 
THR CG2  C N N 59 
THR OXT  O N N 60 
THR H    H N N 61 
THR H2   H N N 62 
THR HA   H N N 63 
THR HB   H N N 64 
THR HG1  H N N 65 
THR HG21 H N N 66 
THR HG22 H N N 67 
THR HG23 H N N 68 
THR HXT  H N N 69 
VAL N    N N N 70 
VAL CA   C N S 71 
VAL C    C N N 72 
VAL O    O N N 73 
VAL CB   C N N 74 
VAL CG1  C N N 75 
VAL CG2  C N N 76 
VAL OXT  O N N 77 
VAL H    H N N 78 
VAL H2   H N N 79 
VAL HA   H N N 80 
VAL HB   H N N 81 
VAL HG11 H N N 82 
VAL HG12 H N N 83 
VAL HG13 H N N 84 
VAL HG21 H N N 85 
VAL HG22 H N N 86 
VAL HG23 H N N 87 
VAL HXT  H N N 88 
# 
loop_
_chem_comp_bond.comp_id 
_chem_comp_bond.atom_id_1 
_chem_comp_bond.atom_id_2 
_chem_comp_bond.value_order 
_chem_comp_bond.pdbx_aromatic_flag 
_chem_comp_bond.pdbx_stereo_config 
_chem_comp_bond.pdbx_ordinal 
ALA N   CA   sing N N 1  
ALA N   H    sing N N 2  
ALA N   H2   sing N N 3  
ALA CA  C    sing N N 4  
ALA CA  CB   sing N N 5  
ALA CA  HA   sing N N 6  
ALA C   O    doub N N 7  
ALA C   OXT  sing N N 8  
ALA CB  HB1  sing N N 9  
ALA CB  HB2  sing N N 10 
ALA CB  HB3  sing N N 11 
ALA OXT HXT  sing N N 12 
HOH O   H1   sing N N 13 
HOH O   H2   sing N N 14 
LEU N   CA   sing N N 15 
LEU N   H    sing N N 16 
LEU N   H2   sing N N 17 
LEU CA  C    sing N N 18 
LEU CA  CB   sing N N 19 
LEU CA  HA   sing N N 20 
LEU C   O    doub N N 21 
LEU C   OXT  sing N N 22 
LEU CB  CG   sing N N 23 
LEU CB  HB2  sing N N 24 
LEU CB  HB3  sing N N 25 
LEU CG  CD1  sing N N 26 
LEU CG  CD2  sing N N 27 
LEU CG  HG   sing N N 28 
LEU CD1 HD11 sing N N 29 
LEU CD1 HD12 sing N N 30 
LEU CD1 HD13 sing N N 31 
LEU CD2 HD21 sing N N 32 
LEU CD2 HD22 sing N N 33 
LEU CD2 HD23 sing N N 34 
LEU OXT HXT  sing N N 35 
SER N   CA   sing N N 36 
SER N   H    sing N N 37 
SER N   H2   sing N N 38 
SER CA  C    sing N N 39 
SER CA  CB   sing N N 40 
SER CA  HA   sing N N 41 
SER C   O    doub N N 42 
SER C   OXT  sing N N 43 
SER CB  OG   sing N N 44 
SER CB  HB2  sing N N 45 
SER CB  HB3  sing N N 46 
SER OG  HG   sing N N 47 
SER OXT HXT  sing N N 48 
THR N   CA   sing N N 49 
THR N   H    sing N N 50 
THR N   H2   sing N N 51 
THR CA  C    sing N N 52 
THR CA  CB   sing N N 53 
THR CA  HA   sing N N 54 
THR C   O    doub N N 55 
THR C   OXT  sing N N 56 
THR CB  OG1  sing N N 57 
THR CB  CG2  sing N N 58 
THR CB  HB   sing N N 59 
THR OG1 HG1  sing N N 60 
THR CG2 HG21 sing N N 61 
THR CG2 HG22 sing N N 62 
THR CG2 HG23 sing N N 63 
THR OXT HXT  sing N N 64 
VAL N   CA   sing N N 65 
VAL N   H    sing N N 66 
VAL N   H2   sing N N 67 
VAL CA  C    sing N N 68 
VAL CA  CB   sing N N 69 
VAL CA  HA   sing N N 70 
VAL C   O    doub N N 71 
VAL C   OXT  sing N N 72 
VAL CB  CG1  sing N N 73 
VAL CB  CG2  sing N N 74 
VAL CB  HB   sing N N 75 
VAL CG1 HG11 sing N N 76 
VAL CG1 HG12 sing N N 77 
VAL CG1 HG13 sing N N 78 
VAL CG2 HG21 sing N N 79 
VAL CG2 HG22 sing N N 80 
VAL CG2 HG23 sing N N 81 
VAL OXT HXT  sing N N 82 
# 
loop_
_pdbx_audit_support.funding_organization 
_pdbx_audit_support.country 
_pdbx_audit_support.grant_number 
_pdbx_audit_support.ordinal 
'National Institutes of Health/National Institute on Aging (NIH/NIA)'                      'United States' 1R01AG048120-01 1 
'National Institutes of Health/National Institute of General Medical Sciences (NIH/NIGMS)' 'United States' 'P41 GM103403'  2 
# 
_pdbx_initial_refinement_model.accession_code   ? 
_pdbx_initial_refinement_model.id               1 
_pdbx_initial_refinement_model.entity_id_list   ? 
_pdbx_initial_refinement_model.type             'in silico model' 
_pdbx_initial_refinement_model.source_name      Other 
_pdbx_initial_refinement_model.details          'IDEAL beta strand' 
# 
_atom_sites.entry_id                    6DJ0 
_atom_sites.fract_transf_matrix[1][1]   0.01746289 
_atom_sites.fract_transf_matrix[1][2]   0.03926553 
_atom_sites.fract_transf_matrix[1][3]   0.05071720 
_atom_sites.fract_transf_matrix[2][1]   0.06968662 
_atom_sites.fract_transf_matrix[2][2]   -0.04904817 
_atom_sites.fract_transf_matrix[2][3]   0.01397894 
_atom_sites.fract_transf_matrix[3][1]   0.02993503 
_atom_sites.fract_transf_matrix[3][2]   0.03452872 
_atom_sites.fract_transf_matrix[3][3]   -0.02807801 
_atom_sites.fract_transf_vector[1]      0.238124 
_atom_sites.fract_transf_vector[2]      -0.174217 
_atom_sites.fract_transf_vector[3]      0.260360 
# 
loop_
_atom_type.symbol 
C 
N 
O 
# 
loop_
_atom_site.group_PDB 
_atom_site.id 
_atom_site.type_symbol 
_atom_site.label_atom_id 
_atom_site.label_alt_id 
_atom_site.label_comp_id 
_atom_site.label_asym_id 
_atom_site.label_entity_id 
_atom_site.label_seq_id 
_atom_site.pdbx_PDB_ins_code 
_atom_site.Cartn_x 
_atom_site.Cartn_y 
_atom_site.Cartn_z 
_atom_site.occupancy 
_atom_site.B_iso_or_equiv 
_atom_site.pdbx_formal_charge 
_atom_site.auth_seq_id 
_atom_site.auth_comp_id 
_atom_site.auth_asym_id 
_atom_site.auth_atom_id 
_atom_site.pdbx_PDB_model_num 
ATOM   1  N N   . ALA A 1 1 ? 11.504 0.104  -1.921 1.00 5.57  ? 73  ALA A N   1 
ATOM   2  C CA  . ALA A 1 1 ? 10.092 0.219  -2.311 1.00 5.86  ? 73  ALA A CA  1 
ATOM   3  C C   . ALA A 1 1 ? 9.244  -0.621 -1.418 1.00 5.83  ? 73  ALA A C   1 
ATOM   4  O O   . ALA A 1 1 ? 9.697  -1.634 -0.924 1.00 4.96  ? 73  ALA A O   1 
ATOM   5  C CB  . ALA A 1 1 ? 9.908  -0.146 -3.803 1.00 6.44  ? 73  ALA A CB  1 
ATOM   6  N N   . SER A 1 2 ? 7.997  -0.186 -1.250 1.00 5.39  ? 74  SER A N   1 
ATOM   7  C CA  . SER A 1 2 ? 7.065  -0.788 -0.354 1.00 5.00  ? 74  SER A CA  1 
ATOM   8  C C   . SER A 1 2 ? 5.680  -0.834 -0.964 1.00 3.74  ? 74  SER A C   1 
ATOM   9  O O   . SER A 1 2 ? 5.243  0.163  -1.560 1.00 4.32  ? 74  SER A O   1 
ATOM   10 C CB  . SER A 1 2 ? 7.066  -0.054 1.003  1.00 7.02  ? 74  SER A CB  1 
ATOM   11 O OG  . SER A 1 2 ? 6.073  -0.622 1.801  1.00 10.33 ? 74  SER A OG  1 
ATOM   12 N N   . LEU A 1 3 ? 5.043  -1.979 -0.914 1.00 3.48  ? 75  LEU A N   1 
ATOM   13 C CA  . LEU A 1 3 ? 3.651  -2.143 -1.158 1.00 3.91  ? 75  LEU A CA  1 
ATOM   14 C C   . LEU A 1 3 ? 2.959  -2.504 0.167  1.00 3.95  ? 75  LEU A C   1 
ATOM   15 O O   . LEU A 1 3 ? 3.336  -3.468 0.840  1.00 5.52  ? 75  LEU A O   1 
ATOM   16 C CB  . LEU A 1 3 ? 3.415  -3.319 -2.070 1.00 4.62  ? 75  LEU A CB  1 
ATOM   17 C CG  . LEU A 1 3 ? 1.987  -3.832 -2.228 1.00 5.51  ? 75  LEU A CG  1 
ATOM   18 C CD1 . LEU A 1 3 ? 1.046  -2.758 -2.775 1.00 7.36  ? 75  LEU A CD1 1 
ATOM   19 C CD2 . LEU A 1 3 ? 1.939  -5.026 -3.139 1.00 7.33  ? 75  LEU A CD2 1 
ATOM   20 N N   . THR A 1 4 ? 1.968  -1.748 0.547  1.00 3.85  ? 76  THR A N   1 
ATOM   21 C CA  . THR A 1 4 ? 1.171  -2.037 1.757  1.00 5.00  ? 76  THR A CA  1 
ATOM   22 C C   . THR A 1 4 ? -0.320 -2.119 1.407  1.00 4.50  ? 76  THR A C   1 
ATOM   23 O O   . THR A 1 4 ? -0.829 -1.321 0.633  1.00 4.49  ? 76  THR A O   1 
ATOM   24 C CB  . THR A 1 4 ? 1.540  -1.128 3.004  1.00 5.56  ? 76  THR A CB  1 
ATOM   25 O OG1 . THR A 1 4 ? 1.514  0.250  2.663  1.00 9.35  ? 76  THR A OG1 1 
ATOM   26 C CG2 . THR A 1 4 ? 2.911  -1.364 3.500  1.00 6.80  ? 76  THR A CG2 1 
ATOM   27 N N   . VAL A 1 5 ? -0.957 -3.097 2.010  1.00 5.81  ? 77  VAL A N   1 
ATOM   28 C CA  . VAL A 1 5 ? -2.397 -3.317 1.938  1.00 6.60  ? 77  VAL A CA  1 
ATOM   29 C C   . VAL A 1 5 ? -2.924 -3.568 3.364  1.00 6.67  ? 77  VAL A C   1 
ATOM   30 O O   . VAL A 1 5 ? -2.509 -4.555 4.024  1.00 6.81  ? 77  VAL A O   1 
ATOM   31 C CB  . VAL A 1 5 ? -2.742 -4.498 1.038  1.00 7.67  ? 77  VAL A CB  1 
ATOM   32 C CG1 . VAL A 1 5 ? -4.234 -4.664 0.902  1.00 7.98  ? 77  VAL A CG1 1 
ATOM   33 C CG2 . VAL A 1 5 ? -2.003 -4.362 -0.294 1.00 7.97  ? 77  VAL A CG2 1 
ATOM   34 N N   . SER A 1 6 ? -3.862 -2.762 3.812  1.00 6.92  ? 78  SER A N   1 
ATOM   35 C CA  . SER A 1 6 ? -4.523 -2.955 5.130  1.00 8.95  ? 78  SER A CA  1 
ATOM   36 C C   . SER A 1 6 ? -5.761 -2.081 5.291  1.00 9.29  ? 78  SER A C   1 
ATOM   37 O O   . SER A 1 6 ? -6.066 -1.255 4.414  1.00 10.78 ? 78  SER A O   1 
ATOM   38 C CB  . SER A 1 6 ? -3.600 -2.609 6.284  1.00 8.74  ? 78  SER A CB  1 
ATOM   39 O OG  . SER A 1 6 ? -3.354 -1.205 6.295  1.00 10.87 ? 78  SER A OG  1 
ATOM   40 O OXT . SER A 1 6 ? -6.508 -2.278 6.265  1.00 6.66  ? 78  SER A OXT 1 
ATOM   41 N N   . ALA B 1 1 ? -9.789 1.372  4.079  1.00 5.98  ? 73  ALA B N   1 
ATOM   42 C CA  . ALA B 1 1 ? -8.649 0.516  3.768  1.00 6.91  ? 73  ALA B CA  1 
ATOM   43 C C   . ALA B 1 1 ? -7.830 1.196  2.694  1.00 6.33  ? 73  ALA B C   1 
ATOM   44 O O   . ALA B 1 1 ? -8.328 2.040  1.949  1.00 7.96  ? 73  ALA B O   1 
ATOM   45 C CB  . ALA B 1 1 ? -9.128 -0.841 3.309  1.00 7.24  ? 73  ALA B CB  1 
ATOM   46 N N   . SER B 1 2 ? -6.569 0.786  2.618  1.00 7.18  ? 74  SER B N   1 
ATOM   47 C CA  . SER B 1 2 ? -5.615 1.429  1.805  1.00 6.71  ? 74  SER B CA  1 
ATOM   48 C C   . SER B 1 2 ? -4.692 0.470  1.045  1.00 5.00  ? 74  SER B C   1 
ATOM   49 O O   . SER B 1 2 ? -4.368 -0.635 1.499  1.00 4.87  ? 74  SER B O   1 
ATOM   50 C CB  . SER B 1 2 ? -4.794 2.397  2.643  1.00 10.50 ? 74  SER B CB  1 
ATOM   51 O OG  . SER B 1 2 ? -3.934 1.703  3.517  1.00 14.58 ? 74  SER B OG  1 
ATOM   52 N N   A LEU B 1 3 ? -4.321 0.913  -0.158 0.50 4.89  ? 75  LEU B N   1 
ATOM   53 N N   B LEU B 1 3 ? -4.311 0.920  -0.150 0.50 4.88  ? 75  LEU B N   1 
ATOM   54 C CA  A LEU B 1 3 ? -3.285 0.324  -0.977 0.25 4.74  ? 75  LEU B CA  1 
ATOM   55 C CA  B LEU B 1 3 ? -3.285 0.325  -0.970 0.25 4.73  ? 75  LEU B CA  1 
ATOM   56 C CA  C LEU B 1 3 ? -3.125 0.425  -1.010 0.50 4.90  ? 75  LEU B CA  1 
ATOM   57 C C   A LEU B 1 3 ? -2.279 1.438  -1.198 0.50 4.52  ? 75  LEU B C   1 
ATOM   58 C C   B LEU B 1 3 ? -2.283 1.441  -1.187 0.50 4.52  ? 75  LEU B C   1 
ATOM   59 O O   A LEU B 1 3 ? -2.619 2.481  -1.723 0.50 4.61  ? 75  LEU B O   1 
ATOM   60 O O   B LEU B 1 3 ? -2.631 2.491  -1.689 0.50 4.59  ? 75  LEU B O   1 
ATOM   61 C CB  A LEU B 1 3 ? -3.866 -0.110 -2.313 0.25 4.89  ? 75  LEU B CB  1 
ATOM   62 C CB  B LEU B 1 3 ? -3.879 -0.099 -2.300 0.25 4.87  ? 75  LEU B CB  1 
ATOM   63 C CB  C LEU B 1 3 ? -3.828 -0.004 -2.285 0.50 5.07  ? 75  LEU B CB  1 
ATOM   64 C CG  A LEU B 1 3 ? -2.874 -0.403 -3.442 0.25 5.22  ? 75  LEU B CG  1 
ATOM   65 C CG  B LEU B 1 3 ? -2.904 -0.415 -3.434 0.25 5.19  ? 75  LEU B CG  1 
ATOM   66 C CG  C LEU B 1 3 ? -2.929 -0.749 -3.275 0.50 5.78  ? 75  LEU B CG  1 
ATOM   67 C CD1 A LEU B 1 3 ? -2.045 -1.619 -3.074 0.25 5.53  ? 75  LEU B CD1 1 
ATOM   68 C CD1 B LEU B 1 3 ? -2.086 -1.638 -3.061 0.25 5.48  ? 75  LEU B CD1 1 
ATOM   69 C CD1 C LEU B 1 3 ? -3.773 -1.138 -4.474 0.50 6.30  ? 75  LEU B CD1 1 
ATOM   70 C CD2 A LEU B 1 3 ? -3.638 -0.637 -4.737 0.25 5.58  ? 75  LEU B CD2 1 
ATOM   71 C CD2 B LEU B 1 3 ? -3.704 -0.650 -4.707 0.25 5.52  ? 75  LEU B CD2 1 
ATOM   72 C CD2 C LEU B 1 3 ? -1.698 0.029  -3.690 0.50 5.89  ? 75  LEU B CD2 1 
ATOM   73 N N   . THR B 1 4 ? -1.063 1.236  -0.725 1.00 4.19  ? 76  THR B N   1 
ATOM   74 C CA  . THR B 1 4 ? -0.030 2.227  -0.781 1.00 4.85  ? 76  THR B CA  1 
ATOM   75 C C   . THR B 1 4 ? 1.166  1.591  -1.561 1.00 4.97  ? 76  THR B C   1 
ATOM   76 O O   . THR B 1 4 ? 1.541  0.493  -1.240 1.00 4.19  ? 76  THR B O   1 
ATOM   77 C CB  . THR B 1 4 ? 0.435  2.628  0.630  1.00 5.10  ? 76  THR B CB  1 
ATOM   78 O OG1 . THR B 1 4 ? -0.699 2.966  1.385  1.00 5.93  ? 76  THR B OG1 1 
ATOM   79 C CG2 . THR B 1 4 ? 1.383  3.787  0.594  1.00 5.78  ? 76  THR B CG2 1 
ATOM   80 N N   . VAL B 1 5 ? 1.737  2.314  -2.508 1.00 5.87  ? 77  VAL B N   1 
ATOM   81 C CA  . VAL B 1 5 ? 2.902  1.839  -3.296 1.00 6.41  ? 77  VAL B CA  1 
ATOM   82 C C   . VAL B 1 5 ? 3.785  3.022  -3.671 1.00 5.49  ? 77  VAL B C   1 
ATOM   83 O O   . VAL B 1 5 ? 3.338  4.085  -4.182 1.00 5.99  ? 77  VAL B O   1 
ATOM   84 C CB  . VAL B 1 5 ? 2.490  0.966  -4.489 1.00 9.24  ? 77  VAL B CB  1 
ATOM   85 C CG1 . VAL B 1 5 ? 1.710  1.741  -5.474 1.00 12.10 ? 77  VAL B CG1 1 
ATOM   86 C CG2 . VAL B 1 5 ? 3.698  0.397  -5.148 1.00 12.93 ? 77  VAL B CG2 1 
ATOM   87 N N   . SER B 1 6 ? 5.046  2.883  -3.346 1.00 5.65  ? 78  SER B N   1 
ATOM   88 C CA  . SER B 1 6 ? 6.027  3.935  -3.540 1.00 6.08  ? 78  SER B CA  1 
ATOM   89 C C   . SER B 1 6 ? 7.407  3.361  -3.346 1.00 6.46  ? 78  SER B C   1 
ATOM   90 O O   . SER B 1 6 ? 7.509  2.259  -2.825 1.00 7.13  ? 78  SER B O   1 
ATOM   91 C CB  . SER B 1 6 ? 5.849  5.164  -2.685 1.00 7.65  ? 78  SER B CB  1 
ATOM   92 O OG  . SER B 1 6 ? 6.100  4.886  -1.359 1.00 9.57  ? 78  SER B OG  1 
ATOM   93 O OXT . SER B 1 6 ? 8.424  3.947  -3.699 1.00 8.07  ? 78  SER B OXT 1 
HETATM 94 O O   . HOH C 2 . ? -4.300 1.223  6.120  1.00 12.95 ? 101 HOH A O   1 
HETATM 95 O O   . HOH C 2 . ? -8.343 -0.532 7.162  1.00 6.19  ? 102 HOH A O   1 
HETATM 96 O O   . HOH C 2 . ? -1.118 -0.383 5.043  1.00 24.06 ? 103 HOH A O   1 
HETATM 97 O O   . HOH C 2 . ? 4.565  2.404  -0.142 1.00 12.19 ? 104 HOH A O   1 
HETATM 98 O O   . HOH C 2 . ? 11.584 1.270  0.585  1.00 9.88  ? 105 HOH A O   1 
HETATM 99 O O   . HOH D 2 . ? -1.753 0.700  2.828  1.00 11.97 ? 101 HOH B O   1 
# 
